data_1L2K
#
_entry.id   1L2K
#
_cell.length_a   64.530
_cell.length_b   30.870
_cell.length_c   34.870
_cell.angle_alpha   90.00
_cell.angle_beta   105.70
_cell.angle_gamma   90.00
#
_symmetry.space_group_name_H-M   'P 1 21 1'
#
loop_
_entity.id
_entity.type
_entity.pdbx_description
1 polymer MYOGLOBIN
2 non-polymer 'SULFATE ION'
3 non-polymer 'AMMONIUM CATION WITH D'
4 non-polymer 'PROTOPORPHYRIN IX CONTAINING FE'
5 water water
#
_entity_poly.entity_id   1
_entity_poly.type   'polypeptide(L)'
_entity_poly.pdbx_seq_one_letter_code
;VLSEGEWQLVLHVWAKVEADVAGHGQDILIRLFKSHPETLEKFDRFKHLKTEAEMKASEDLKKHGVTVLTALGAILKKKG
HHEAELKPLAQSHATKHKIPIKYLEFISEAIIHVLHSRHPGDFGADAQGAMNKALELFRKDIAAKYKELGYQG
;
_entity_poly.pdbx_strand_id   A
#
loop_
_chem_comp.id
_chem_comp.type
_chem_comp.name
_chem_comp.formula
HEM non-polymer 'PROTOPORPHYRIN IX CONTAINING FE' 'C34 H32 Fe N4 O4'
ND4 non-polymer 'AMMONIUM CATION WITH D' 'N 1'
SO4 non-polymer 'SULFATE ION' 'O4 S -2'
#
# COMPACT_ATOMS: atom_id res chain seq x y z
N VAL A 1 12.45 -4.54 -13.83
CA VAL A 1 12.88 -5.55 -12.81
C VAL A 1 13.87 -4.93 -11.84
N LEU A 2 13.74 -5.28 -10.56
CA LEU A 2 14.63 -4.75 -9.54
C LEU A 2 15.82 -5.69 -9.34
N SER A 3 16.98 -5.10 -9.09
CA SER A 3 18.20 -5.87 -8.83
C SER A 3 18.16 -6.36 -7.38
N GLU A 4 19.08 -7.25 -7.03
CA GLU A 4 19.15 -7.76 -5.66
C GLU A 4 19.42 -6.65 -4.66
N GLY A 5 20.27 -5.70 -5.06
CA GLY A 5 20.61 -4.59 -4.20
C GLY A 5 19.40 -3.73 -3.87
N GLU A 6 18.54 -3.53 -4.86
CA GLU A 6 17.33 -2.73 -4.68
C GLU A 6 16.32 -3.46 -3.80
N TRP A 7 16.17 -4.78 -4.01
CA TRP A 7 15.25 -5.56 -3.18
C TRP A 7 15.74 -5.56 -1.73
N GLN A 8 17.06 -5.57 -1.54
CA GLN A 8 17.61 -5.57 -0.19
C GLN A 8 17.28 -4.26 0.53
N LEU A 9 17.27 -3.15 -0.19
CA LEU A 9 16.93 -1.85 0.40
C LEU A 9 15.46 -1.87 0.83
N VAL A 10 14.61 -2.36 -0.06
CA VAL A 10 13.16 -2.45 0.17
C VAL A 10 12.82 -3.35 1.36
N LEU A 11 13.46 -4.51 1.44
CA LEU A 11 13.16 -5.45 2.51
C LEU A 11 13.77 -5.06 3.86
N HIS A 12 14.84 -4.27 3.83
CA HIS A 12 15.48 -3.81 5.05
C HIS A 12 14.58 -2.78 5.74
N VAL A 13 13.97 -1.87 4.96
CA VAL A 13 13.07 -0.89 5.54
C VAL A 13 11.73 -1.53 5.88
N TRP A 14 11.34 -2.57 5.15
CA TRP A 14 10.08 -3.22 5.45
C TRP A 14 10.15 -3.96 6.79
N ALA A 15 11.33 -4.49 7.11
CA ALA A 15 11.53 -5.18 8.40
C ALA A 15 11.24 -4.21 9.55
N LYS A 16 11.59 -2.93 9.36
CA LYS A 16 11.35 -1.91 10.39
C LYS A 16 9.84 -1.69 10.51
N VAL A 17 9.15 -1.69 9.36
CA VAL A 17 7.70 -1.49 9.32
C VAL A 17 6.98 -2.58 10.11
N GLU A 18 7.48 -3.81 10.02
CA GLU A 18 6.87 -4.94 10.70
C GLU A 18 6.98 -4.86 12.22
N ALA A 19 7.81 -3.96 12.73
CA ALA A 19 7.95 -3.79 14.17
C ALA A 19 6.70 -3.12 14.75
N ASP A 20 5.95 -2.44 13.88
CA ASP A 20 4.71 -1.76 14.30
C ASP A 20 3.81 -1.66 13.06
N VAL A 21 3.24 -2.79 12.65
CA VAL A 21 2.40 -2.83 11.47
C VAL A 21 1.13 -1.99 11.64
N ALA A 22 0.53 -2.05 12.82
CA ALA A 22 -0.71 -1.31 13.09
C ALA A 22 -0.52 0.21 13.03
N GLY A 23 0.57 0.71 13.59
CA GLY A 23 0.81 2.14 13.57
C GLY A 23 1.05 2.66 12.15
N HIS A 24 1.81 1.91 11.36
CA HIS A 24 2.10 2.30 9.98
C HIS A 24 0.82 2.25 9.14
N GLY A 25 0.04 1.17 9.31
CA GLY A 25 -1.17 1.00 8.55
C GLY A 25 -2.16 2.14 8.74
N GLN A 26 -2.33 2.57 9.99
CA GLN A 26 -3.25 3.65 10.31
C GLN A 26 -2.78 4.97 9.68
N ASP A 27 -1.48 5.26 9.79
CA ASP A 27 -0.92 6.49 9.22
C ASP A 27 -1.12 6.54 7.69
N ILE A 28 -0.89 5.40 7.03
CA ILE A 28 -1.00 5.31 5.59
C ILE A 28 -2.44 5.53 5.10
N LEU A 29 -3.41 4.85 5.72
CA LEU A 29 -4.81 5.01 5.32
C LEU A 29 -5.32 6.44 5.58
N ILE A 30 -4.92 7.03 6.71
CA ILE A 30 -5.34 8.39 7.03
C ILE A 30 -4.74 9.37 6.02
N ARG A 31 -3.46 9.17 5.68
CA ARG A 31 -2.78 10.02 4.71
C ARG A 31 -3.51 9.94 3.35
N LEU A 32 -3.94 8.73 2.98
CA LEU A 32 -4.63 8.50 1.72
C LEU A 32 -6.00 9.18 1.71
N PHE A 33 -6.74 9.07 2.82
CA PHE A 33 -8.08 9.66 2.93
C PHE A 33 -8.04 11.19 2.98
N LYS A 34 -7.04 11.76 3.63
CA LYS A 34 -6.94 13.20 3.73
C LYS A 34 -6.44 13.82 2.42
N SER A 35 -5.53 13.14 1.73
CA SER A 35 -4.98 13.67 0.47
C SER A 35 -5.90 13.42 -0.72
N HIS A 36 -6.64 12.31 -0.69
CA HIS A 36 -7.54 11.96 -1.78
C HIS A 36 -8.89 11.51 -1.22
N PRO A 37 -9.75 12.47 -0.83
CA PRO A 37 -11.07 12.18 -0.25
C PRO A 37 -11.99 11.24 -1.02
N GLU A 38 -11.81 11.16 -2.34
CA GLU A 38 -12.64 10.28 -3.16
C GLU A 38 -12.37 8.81 -2.84
N THR A 39 -11.21 8.50 -2.25
CA THR A 39 -10.88 7.12 -1.92
C THR A 39 -11.66 6.62 -0.71
N LEU A 40 -11.97 7.54 0.20
CA LEU A 40 -12.72 7.20 1.40
C LEU A 40 -14.14 6.75 1.04
N GLU A 41 -14.69 7.32 -0.03
CA GLU A 41 -16.03 7.00 -0.49
C GLU A 41 -16.17 5.56 -0.96
N LYS A 42 -15.05 4.93 -1.30
CA LYS A 42 -15.07 3.54 -1.75
C LYS A 42 -15.25 2.58 -0.58
N PHE A 43 -14.99 3.06 0.63
CA PHE A 43 -15.13 2.25 1.82
C PHE A 43 -16.44 2.58 2.55
N ASP A 44 -17.47 1.76 2.38
CA ASP A 44 -18.74 1.97 3.10
C ASP A 44 -18.47 1.84 4.59
N ARG A 45 -17.46 1.04 4.89
CA ARG A 45 -17.01 0.74 6.23
C ARG A 45 -16.38 1.94 6.97
N PHE A 46 -15.87 2.91 6.22
CA PHE A 46 -15.20 4.07 6.83
C PHE A 46 -15.71 5.43 6.35
N LYS A 47 -16.75 5.48 5.53
CA LYS A 47 -17.22 6.78 5.01
C LYS A 47 -17.88 7.71 6.04
N HIS A 48 -18.22 7.20 7.22
CA HIS A 48 -18.82 8.05 8.26
C HIS A 48 -17.74 8.91 8.94
N LEU A 49 -16.47 8.54 8.79
CA LEU A 49 -15.37 9.30 9.40
C LEU A 49 -15.16 10.61 8.64
N LYS A 50 -15.18 11.72 9.38
CA LYS A 50 -15.05 13.06 8.78
C LYS A 50 -13.74 13.76 9.14
N THR A 51 -13.30 13.63 10.38
CA THR A 51 -12.09 14.32 10.82
C THR A 51 -10.95 13.35 11.05
N GLU A 52 -9.73 13.89 11.10
CA GLU A 52 -8.55 13.08 11.34
C GLU A 52 -8.62 12.45 12.73
N ALA A 53 -9.13 13.21 13.70
CA ALA A 53 -9.27 12.72 15.07
C ALA A 53 -10.13 11.46 15.10
N GLU A 54 -11.25 11.50 14.39
CA GLU A 54 -12.16 10.35 14.31
C GLU A 54 -11.45 9.17 13.66
N MET A 55 -10.66 9.45 12.63
CA MET A 55 -9.94 8.38 11.92
C MET A 55 -8.92 7.71 12.83
N LYS A 56 -8.19 8.50 13.61
CA LYS A 56 -7.20 7.97 14.54
C LYS A 56 -7.84 7.19 15.68
N ALA A 57 -9.07 7.53 16.04
CA ALA A 57 -9.76 6.84 17.14
C ALA A 57 -10.41 5.53 16.72
N SER A 58 -10.53 5.29 15.41
CA SER A 58 -11.20 4.08 14.93
C SER A 58 -10.33 2.83 15.00
N GLU A 59 -10.78 1.85 15.79
CA GLU A 59 -10.06 0.60 15.93
C GLU A 59 -10.24 -0.24 14.66
N ASP A 60 -11.42 -0.16 14.05
CA ASP A 60 -11.70 -0.90 12.83
C ASP A 60 -10.82 -0.43 11.67
N LEU A 61 -10.48 0.87 11.65
CA LEU A 61 -9.63 1.40 10.60
C LEU A 61 -8.21 0.85 10.80
N LYS A 62 -7.80 0.78 12.06
CA LYS A 62 -6.49 0.26 12.42
C LYS A 62 -6.40 -1.23 12.03
N LYS A 63 -7.48 -1.96 12.20
CA LYS A 63 -7.51 -3.39 11.85
C LYS A 63 -7.32 -3.57 10.35
N HIS A 64 -8.02 -2.77 9.55
CA HIS A 64 -7.91 -2.90 8.10
C HIS A 64 -6.50 -2.48 7.66
N GLY A 65 -5.93 -1.51 8.37
CA GLY A 65 -4.59 -1.06 8.07
C GLY A 65 -3.59 -2.21 8.14
N VAL A 66 -3.78 -3.09 9.13
CA VAL A 66 -2.92 -4.27 9.32
C VAL A 66 -3.09 -5.23 8.14
N THR A 67 -4.34 -5.47 7.75
CA THR A 67 -4.65 -6.35 6.63
C THR A 67 -3.99 -5.90 5.34
N VAL A 68 -4.02 -4.60 5.08
CA VAL A 68 -3.42 -4.06 3.86
C VAL A 68 -1.90 -4.27 3.87
N LEU A 69 -1.23 -3.91 4.98
CA LEU A 69 0.22 -4.04 5.05
C LEU A 69 0.72 -5.48 5.14
N THR A 70 -0.09 -6.38 5.71
CA THR A 70 0.32 -7.78 5.78
C THR A 70 0.29 -8.38 4.37
N ALA A 71 -0.73 -8.02 3.58
CA ALA A 71 -0.86 -8.52 2.21
C ALA A 71 0.26 -7.95 1.34
N LEU A 72 0.55 -6.67 1.51
CA LEU A 72 1.61 -6.03 0.74
C LEU A 72 2.99 -6.59 1.10
N GLY A 73 3.21 -6.86 2.39
CA GLY A 73 4.48 -7.41 2.82
C GLY A 73 4.74 -8.80 2.24
N ALA A 74 3.70 -9.62 2.12
CA ALA A 74 3.84 -10.97 1.56
C ALA A 74 4.24 -10.89 0.08
N ILE A 75 3.73 -9.87 -0.60
CA ILE A 75 4.04 -9.66 -2.00
C ILE A 75 5.49 -9.18 -2.16
N LEU A 76 5.92 -8.22 -1.36
CA LEU A 76 7.29 -7.70 -1.46
C LEU A 76 8.34 -8.79 -1.17
N LYS A 77 8.05 -9.67 -0.21
CA LYS A 77 8.99 -10.72 0.16
C LYS A 77 9.17 -11.76 -0.95
N LYS A 78 8.28 -11.75 -1.93
CA LYS A 78 8.39 -12.68 -3.06
C LYS A 78 9.37 -12.16 -4.11
N LYS A 79 9.78 -10.90 -3.96
CA LYS A 79 10.73 -10.25 -4.86
C LYS A 79 10.42 -10.43 -6.34
N GLY A 80 9.20 -10.05 -6.72
CA GLY A 80 8.77 -10.14 -8.11
C GLY A 80 8.00 -11.39 -8.50
N HIS A 81 8.23 -12.49 -7.78
CA HIS A 81 7.55 -13.76 -8.07
C HIS A 81 6.29 -13.81 -7.20
N HIS A 82 5.35 -12.91 -7.49
CA HIS A 82 4.13 -12.79 -6.70
C HIS A 82 2.81 -13.10 -7.40
N GLU A 83 2.85 -13.86 -8.49
CA GLU A 83 1.65 -14.21 -9.25
C GLU A 83 0.49 -14.73 -8.36
N ALA A 84 0.80 -15.71 -7.51
CA ALA A 84 -0.20 -16.32 -6.64
C ALA A 84 -0.80 -15.37 -5.60
N GLU A 85 -0.02 -14.40 -5.13
CA GLU A 85 -0.49 -13.44 -4.13
C GLU A 85 -1.17 -12.23 -4.76
N LEU A 86 -0.77 -11.89 -5.99
CA LEU A 86 -1.30 -10.71 -6.66
C LEU A 86 -2.61 -10.95 -7.42
N LYS A 87 -2.80 -12.16 -7.93
CA LYS A 87 -3.99 -12.49 -8.71
C LYS A 87 -5.31 -12.31 -7.96
N PRO A 88 -5.45 -12.90 -6.75
CA PRO A 88 -6.71 -12.74 -6.01
C PRO A 88 -6.99 -11.29 -5.61
N LEU A 89 -5.92 -10.54 -5.33
CA LEU A 89 -6.05 -9.15 -4.95
C LEU A 89 -6.61 -8.33 -6.11
N ALA A 90 -6.06 -8.54 -7.30
CA ALA A 90 -6.48 -7.83 -8.49
C ALA A 90 -7.93 -8.13 -8.84
N GLN A 91 -8.33 -9.41 -8.73
CA GLN A 91 -9.69 -9.81 -9.05
C GLN A 91 -10.70 -9.13 -8.15
N SER A 92 -10.43 -9.10 -6.84
CA SER A 92 -11.35 -8.49 -5.91
C SER A 92 -11.40 -6.98 -6.04
N HIS A 93 -10.26 -6.35 -6.30
CA HIS A 93 -10.25 -4.89 -6.39
C HIS A 93 -10.83 -4.36 -7.71
N ALA A 94 -10.79 -5.17 -8.76
CA ALA A 94 -11.37 -4.77 -10.03
C ALA A 94 -12.87 -5.04 -10.09
N THR A 95 -13.26 -6.27 -9.75
CA THR A 95 -14.66 -6.70 -9.87
C THR A 95 -15.59 -6.54 -8.67
N LYS A 96 -15.05 -6.48 -7.46
CA LYS A 96 -15.89 -6.35 -6.28
C LYS A 96 -15.84 -4.94 -5.68
N HIS A 97 -14.63 -4.47 -5.39
CA HIS A 97 -14.45 -3.15 -4.80
C HIS A 97 -14.47 -2.03 -5.83
N LYS A 98 -14.20 -2.36 -7.10
CA LYS A 98 -14.19 -1.38 -8.19
C LYS A 98 -13.21 -0.24 -7.90
N ILE A 99 -11.94 -0.60 -7.71
CA ILE A 99 -10.90 0.38 -7.42
C ILE A 99 -10.06 0.68 -8.66
N PRO A 100 -10.11 1.94 -9.14
CA PRO A 100 -9.31 2.31 -10.32
C PRO A 100 -7.81 2.19 -10.04
N ILE A 101 -7.03 1.89 -11.07
CA ILE A 101 -5.58 1.78 -10.92
C ILE A 101 -4.98 3.07 -10.36
N LYS A 102 -5.61 4.20 -10.67
CA LYS A 102 -5.14 5.50 -10.19
C LYS A 102 -5.11 5.59 -8.66
N TYR A 103 -6.04 4.90 -8.00
CA TYR A 103 -6.11 4.91 -6.54
C TYR A 103 -4.98 4.07 -5.95
N LEU A 104 -4.42 3.15 -6.74
CA LEU A 104 -3.31 2.32 -6.27
C LEU A 104 -2.04 3.18 -6.34
N GLU A 105 -2.03 4.12 -7.27
CA GLU A 105 -0.92 5.06 -7.38
C GLU A 105 -0.98 5.96 -6.13
N PHE A 106 -2.20 6.42 -5.80
CA PHE A 106 -2.35 7.29 -4.63
C PHE A 106 -1.84 6.62 -3.35
N ILE A 107 -2.21 5.37 -3.09
CA ILE A 107 -1.78 4.70 -1.87
C ILE A 107 -0.27 4.43 -1.87
N SER A 108 0.32 4.23 -3.05
CA SER A 108 1.76 4.02 -3.15
C SER A 108 2.47 5.30 -2.67
N GLU A 109 1.90 6.45 -3.01
CA GLU A 109 2.46 7.75 -2.61
C GLU A 109 2.38 7.92 -1.09
N ALA A 110 1.27 7.47 -0.50
CA ALA A 110 1.07 7.56 0.94
C ALA A 110 2.08 6.68 1.68
N ILE A 111 2.32 5.48 1.15
CA ILE A 111 3.27 4.54 1.74
C ILE A 111 4.68 5.12 1.79
N ILE A 112 5.09 5.75 0.69
CA ILE A 112 6.41 6.35 0.60
C ILE A 112 6.52 7.53 1.57
N HIS A 113 5.46 8.32 1.67
CA HIS A 113 5.44 9.47 2.58
C HIS A 113 5.61 9.01 4.02
N VAL A 114 4.80 8.03 4.43
CA VAL A 114 4.85 7.54 5.80
C VAL A 114 6.20 6.88 6.14
N LEU A 115 6.77 6.15 5.20
CA LEU A 115 8.05 5.48 5.45
C LEU A 115 9.16 6.51 5.62
N HIS A 116 9.05 7.63 4.91
CA HIS A 116 10.04 8.70 5.02
C HIS A 116 9.91 9.37 6.40
N SER A 117 8.67 9.55 6.84
CA SER A 117 8.39 10.19 8.14
C SER A 117 8.80 9.35 9.35
N ARG A 118 8.71 8.03 9.24
CA ARG A 118 9.06 7.17 10.38
C ARG A 118 10.47 6.58 10.36
N HIS A 119 11.11 6.53 9.18
CA HIS A 119 12.45 5.95 9.10
C HIS A 119 13.39 6.76 8.20
N PRO A 120 13.70 8.02 8.59
CA PRO A 120 14.59 8.87 7.81
C PRO A 120 16.01 8.32 7.60
N GLY A 121 16.48 7.51 8.55
CA GLY A 121 17.81 6.94 8.45
C GLY A 121 17.93 5.77 7.50
N ASP A 122 16.92 4.90 7.47
CA ASP A 122 16.96 3.74 6.60
C ASP A 122 16.14 3.96 5.33
N PHE A 123 15.63 5.18 5.15
CA PHE A 123 14.85 5.46 3.96
C PHE A 123 15.37 6.70 3.24
N GLY A 124 16.64 6.63 2.86
CA GLY A 124 17.28 7.72 2.13
C GLY A 124 16.77 7.69 0.69
N ALA A 125 17.32 8.56 -0.16
CA ALA A 125 16.89 8.63 -1.55
C ALA A 125 17.04 7.30 -2.31
N ASP A 126 18.13 6.59 -2.09
CA ASP A 126 18.35 5.32 -2.78
C ASP A 126 17.26 4.29 -2.41
N ALA A 127 16.86 4.26 -1.14
CA ALA A 127 15.82 3.33 -0.68
C ALA A 127 14.47 3.78 -1.23
N GLN A 128 14.26 5.09 -1.29
CA GLN A 128 13.01 5.66 -1.80
C GLN A 128 12.82 5.24 -3.25
N GLY A 129 13.90 5.33 -4.02
CA GLY A 129 13.88 4.96 -5.43
C GLY A 129 13.57 3.48 -5.63
N ALA A 130 14.13 2.64 -4.77
CA ALA A 130 13.90 1.20 -4.87
C ALA A 130 12.45 0.88 -4.48
N MET A 131 11.94 1.52 -3.43
CA MET A 131 10.57 1.29 -2.97
C MET A 131 9.60 1.72 -4.08
N ASN A 132 9.89 2.87 -4.69
CA ASN A 132 9.05 3.37 -5.78
C ASN A 132 9.02 2.36 -6.93
N LYS A 133 10.15 1.71 -7.20
CA LYS A 133 10.20 0.73 -8.29
C LYS A 133 9.41 -0.53 -7.94
N ALA A 134 9.46 -0.94 -6.67
CA ALA A 134 8.75 -2.14 -6.22
C ALA A 134 7.23 -1.90 -6.31
N LEU A 135 6.79 -0.69 -5.97
CA LEU A 135 5.37 -0.35 -6.03
C LEU A 135 4.91 -0.20 -7.48
N GLU A 136 5.77 0.30 -8.35
CA GLU A 136 5.42 0.41 -9.77
C GLU A 136 5.24 -1.00 -10.34
N LEU A 137 6.14 -1.92 -9.96
CA LEU A 137 6.05 -3.30 -10.41
C LEU A 137 4.71 -3.88 -9.95
N PHE A 138 4.35 -3.59 -8.70
CA PHE A 138 3.09 -4.04 -8.11
C PHE A 138 1.91 -3.51 -8.95
N ARG A 139 1.96 -2.22 -9.31
CA ARG A 139 0.87 -1.62 -10.11
C ARG A 139 0.79 -2.18 -11.53
N LYS A 140 1.95 -2.32 -12.17
CA LYS A 140 2.03 -2.83 -13.53
C LYS A 140 1.41 -4.23 -13.64
N ASP A 141 1.67 -5.09 -12.66
CA ASP A 141 1.14 -6.46 -12.71
C ASP A 141 -0.35 -6.48 -12.38
N ILE A 142 -0.80 -5.54 -11.55
CA ILE A 142 -2.21 -5.42 -11.20
C ILE A 142 -2.98 -4.92 -12.43
N ALA A 143 -2.39 -3.95 -13.14
CA ALA A 143 -3.02 -3.35 -14.32
C ALA A 143 -3.18 -4.36 -15.46
N ALA A 144 -2.22 -5.26 -15.59
CA ALA A 144 -2.30 -6.29 -16.63
C ALA A 144 -3.49 -7.21 -16.37
N LYS A 145 -3.78 -7.49 -15.09
CA LYS A 145 -4.91 -8.35 -14.76
C LYS A 145 -6.22 -7.58 -14.86
N TYR A 146 -6.16 -6.27 -14.64
CA TYR A 146 -7.34 -5.40 -14.77
C TYR A 146 -7.72 -5.38 -16.25
N LYS A 147 -6.73 -5.22 -17.12
CA LYS A 147 -6.94 -5.16 -18.57
C LYS A 147 -7.61 -6.44 -19.08
N GLU A 148 -7.13 -7.58 -18.59
CA GLU A 148 -7.65 -8.88 -18.98
C GLU A 148 -9.15 -8.99 -18.68
N LEU A 149 -9.56 -8.54 -17.50
CA LEU A 149 -10.96 -8.61 -17.07
C LEU A 149 -11.82 -7.49 -17.66
N GLY A 150 -11.19 -6.46 -18.22
CA GLY A 150 -11.94 -5.36 -18.82
C GLY A 150 -12.20 -4.19 -17.88
N TYR A 151 -11.24 -3.89 -17.01
CA TYR A 151 -11.36 -2.77 -16.08
C TYR A 151 -10.20 -1.80 -16.27
S SO4 B . -14.62 1.77 15.61
O1 SO4 B . -13.89 2.64 16.48
O2 SO4 B . -14.59 2.27 14.28
O3 SO4 B . -15.99 1.67 16.00
O4 SO4 B . -13.98 0.50 15.64
N ND4 C . -3.56 -17.58 -6.33
D1 ND4 C . -3.26 -16.86 -5.69
D2 ND4 C . -3.39 -18.48 -5.90
D3 ND4 C . -4.51 -17.48 -6.53
D4 ND4 C . -3.02 -17.53 -7.17
S SO4 D . -10.31 -6.78 7.72
O1 SO4 D . -9.58 -5.59 7.42
O2 SO4 D . -9.41 -7.91 7.92
O3 SO4 D . -11.08 -6.58 8.96
O4 SO4 D . -11.25 -7.10 6.64
CHA HEM E . -10.15 -5.02 0.90
CHB HEM E . -5.35 -5.17 0.31
CHC HEM E . -5.55 -0.83 -1.83
CHD HEM E . -10.31 -0.74 -1.23
C1A HEM E . -8.83 -5.47 0.86
C2A HEM E . -8.38 -6.75 1.34
C3A HEM E . -7.04 -6.78 1.19
C4A HEM E . -6.65 -5.52 0.59
CMA HEM E . -6.09 -7.84 1.67
CAA HEM E . -9.27 -7.88 1.85
CBA HEM E . -9.36 -9.08 0.92
CGA HEM E . -9.85 -8.72 -0.47
O1A HEM E . -9.12 -9.00 -1.44
O2A HEM E . -10.97 -8.17 -0.60
C1B HEM E . -4.98 -3.98 -0.32
C2B HEM E . -3.61 -3.66 -0.72
C3B HEM E . -3.67 -2.44 -1.32
C4B HEM E . -5.07 -2.02 -1.28
CMB HEM E . -2.39 -4.56 -0.52
CAB HEM E . -2.61 -1.63 -1.75
CBB HEM E . -1.27 -1.48 -1.27
C1C HEM E . -6.87 -0.44 -1.85
C2C HEM E . -7.30 0.87 -2.24
C3C HEM E . -8.63 0.90 -2.06
C4C HEM E . -9.04 -0.39 -1.59
CMC HEM E . -6.33 1.96 -2.71
CAC HEM E . -9.48 1.99 -2.30
CBC HEM E . -9.51 3.40 -2.12
C1D HEM E . -10.69 -1.92 -0.59
C2D HEM E . -12.03 -2.18 -0.14
C3D HEM E . -11.99 -3.35 0.50
C4D HEM E . -10.62 -3.83 0.40
CMD HEM E . -13.25 -1.30 -0.34
CAD HEM E . -13.14 -3.96 1.29
CBD HEM E . -13.17 -3.46 2.73
CGD HEM E . -14.32 -4.06 3.52
O1D HEM E . -15.39 -3.42 3.59
O2D HEM E . -14.16 -5.17 4.06
NA HEM E . -7.77 -4.73 0.34
NB HEM E . -5.88 -2.98 -0.70
NC HEM E . -7.96 -1.19 -1.41
ND HEM E . -9.83 -2.92 -0.26
FE HEM E . -7.87 -2.99 -0.58
HHB HEM E . -4.54 -5.86 0.58
HHC HEM E . -4.86 -0.18 -2.39
HHD HEM E . -11.14 -0.07 -1.41
HAB HEM E . -2.81 -1.02 -2.61
HAC HEM E . -10.38 1.69 -2.82
HHA HEM E . -10.86 -5.65 1.41
HMA1 HEM E . -5.31 -7.33 2.21
HMA2 HEM E . -5.65 -8.41 0.87
HMA3 HEM E . -6.60 -8.52 2.35
HAA1 HEM E . -10.25 -7.47 2.04
HAA2 HEM E . -8.83 -8.17 2.80
HBA1 HEM E . -10.04 -9.79 1.36
HBA2 HEM E . -8.39 -9.53 0.84
HMB1 HEM E . -2.12 -4.55 0.52
HMB2 HEM E . -1.57 -4.18 -1.11
HMB3 HEM E . -2.62 -5.57 -0.83
HBB1 HEM E . -0.94 -2.03 -0.40
HBB2 HEM E . -0.57 -0.82 -1.79
HMC1 HEM E . -6.15 2.67 -1.91
HMC2 HEM E . -6.78 2.48 -3.55
HMC3 HEM E . -5.39 1.53 -3.02
HBC1 HEM E . -8.69 3.91 -1.60
HBC2 HEM E . -10.36 3.97 -2.44
HMD1 HEM E . -13.99 -1.52 0.41
HMD2 HEM E . -13.63 -1.60 -1.31
HMD3 HEM E . -13.05 -0.25 -0.35
HAD1 HEM E . -12.95 -5.02 1.29
HAD2 HEM E . -14.09 -3.77 0.82
HBD1 HEM E . -13.27 -2.39 2.73
HBD2 HEM E . -12.25 -3.73 3.20
#